data_2WOL
#
_entry.id   2WOL
#
_cell.length_a   53.609
_cell.length_b   84.378
_cell.length_c   62.411
_cell.angle_alpha   90.00
_cell.angle_beta   91.71
_cell.angle_gamma   90.00
#
_symmetry.space_group_name_H-M   'P 1 21 1'
#
loop_
_entity.id
_entity.type
_entity.pdbx_description
1 polymer 'CLAVULANIC ACID BIOSYNTHESIS OLIGOPEPTIDE BINDING PROTEIN 2'
2 non-polymer GLYCEROL
3 water water
#
_entity_poly.entity_id   1
_entity_poly.type   'polypeptide(L)'
_entity_poly.pdbx_seq_one_letter_code
;MTTAARRPAPTTAGAGWDAGVGALVNPSRRRGGTLRLVSSADVDSLDPARTYYVWVWLLQRLLNRTLMAYPTDPGPAGLV
PAPDLAEGPGEVSDGGRTWTYRLRRGLRYDDGTPITSDDVRHAVQRVFAQDVLPGGPTYLIPLLDDPERPYPGPYRTDEP
LRSVLTPDEHTIVFRLTRPFSDFDHLMAQPCAAPVPRRSDTGADYGRDPRSSGPYRVARHEPDTLLHLERNPHWDRATDP
IRPALPDRVELTIGLDVDVLDARLIAGEFDINLEGRGLQHAAQRRATADEVLRSHTDNPRTSFLHFVAMQPHIPPFDNVH
VRRAVQYAADKILLQDARGGPVNGGDLTTALFPPTLPAHQDLDLYPTGPDLRGDLDAARAELAAAGLPDGFRAVIGTQRG
KFRLVADAVVESLARVGIELTVKELDVATYFSLGAGHPETVREHGLGLLVTDWGADFPTEYGFLAPLVDGRQIKRNGGNW
NLPELDDPEVNALIDETLHTTDPAARAELWRAVERRVMEHAVLLPLVHDKTLHFRNPWVTNVYVHPAFGLYDIQAMGLAE
ED
;
_entity_poly.pdbx_strand_id   A
#
loop_
_chem_comp.id
_chem_comp.type
_chem_comp.name
_chem_comp.formula
GOL non-polymer GLYCEROL 'C3 H8 O3'
#
# COMPACT_ATOMS: atom_id res chain seq x y z
N PRO A 8 -10.38 13.89 28.75
CA PRO A 8 -10.67 13.29 27.44
C PRO A 8 -10.67 14.32 26.32
N ALA A 9 -10.59 13.84 25.08
CA ALA A 9 -10.54 14.69 23.89
C ALA A 9 -11.74 15.62 23.69
N PRO A 10 -12.98 15.12 23.86
CA PRO A 10 -14.15 15.99 23.60
C PRO A 10 -14.24 17.22 24.50
N THR A 11 -13.43 17.29 25.55
CA THR A 11 -13.50 18.37 26.54
C THR A 11 -12.43 19.46 26.37
N THR A 12 -11.40 19.17 25.60
CA THR A 12 -10.32 20.13 25.35
C THR A 12 -9.94 20.16 23.86
N ALA A 13 -9.87 21.37 23.28
CA ALA A 13 -9.53 21.53 21.87
C ALA A 13 -8.08 21.15 21.59
N GLY A 14 -7.87 20.49 20.45
CA GLY A 14 -6.55 20.01 20.05
C GLY A 14 -5.83 20.95 19.09
N ALA A 15 -4.86 20.40 18.37
CA ALA A 15 -3.97 21.17 17.51
C ALA A 15 -4.67 21.80 16.30
N GLY A 16 -5.80 21.23 15.91
CA GLY A 16 -6.59 21.75 14.80
C GLY A 16 -6.81 20.75 13.68
N TRP A 17 -7.90 20.92 12.95
CA TRP A 17 -8.22 20.12 11.77
C TRP A 17 -7.01 20.04 10.83
N ASP A 18 -6.66 18.81 10.44
CA ASP A 18 -5.57 18.53 9.49
C ASP A 18 -4.16 18.92 9.97
N ALA A 19 -3.99 19.21 11.26
CA ALA A 19 -2.70 19.64 11.79
C ALA A 19 -1.60 18.59 11.61
N GLY A 20 -2.00 17.31 11.53
CA GLY A 20 -1.07 16.21 11.35
C GLY A 20 -0.82 15.82 9.89
N VAL A 21 -1.37 16.59 8.97
CA VAL A 21 -1.20 16.35 7.54
C VAL A 21 -0.17 17.32 6.99
N GLY A 22 1.01 16.80 6.68
CA GLY A 22 2.11 17.64 6.19
C GLY A 22 2.90 18.31 7.29
N ALA A 23 2.53 18.02 8.55
CA ALA A 23 3.17 18.63 9.71
C ALA A 23 3.05 17.73 10.94
N LEU A 24 3.86 18.04 11.94
CA LEU A 24 3.94 17.24 13.16
C LEU A 24 3.12 17.89 14.28
N VAL A 25 2.30 17.08 14.95
CA VAL A 25 1.47 17.55 16.07
C VAL A 25 2.12 17.21 17.41
N ASN A 26 2.15 18.19 18.31
CA ASN A 26 2.56 17.98 19.71
C ASN A 26 3.97 17.40 19.84
N PRO A 27 4.98 18.11 19.29
CA PRO A 27 6.36 17.59 19.31
C PRO A 27 6.92 17.46 20.72
N SER A 28 7.66 16.37 20.94
CA SER A 28 8.26 16.09 22.24
C SER A 28 9.34 15.03 22.13
N ARG A 29 10.29 15.07 23.06
CA ARG A 29 11.32 14.04 23.17
C ARG A 29 11.17 13.28 24.48
N ARG A 30 10.06 13.52 25.19
CA ARG A 30 9.84 12.88 26.49
C ARG A 30 9.65 11.38 26.35
N ARG A 31 10.54 10.61 26.97
CA ARG A 31 10.44 9.15 26.99
C ARG A 31 9.59 8.68 28.16
N GLY A 32 8.93 7.54 27.99
CA GLY A 32 8.18 6.90 29.06
C GLY A 32 6.73 6.64 28.70
N GLY A 33 6.07 5.85 29.54
CA GLY A 33 4.64 5.59 29.40
C GLY A 33 4.34 4.42 28.50
N THR A 34 3.06 4.06 28.45
CA THR A 34 2.59 2.97 27.62
C THR A 34 1.69 3.54 26.52
N LEU A 35 2.05 3.27 25.27
CA LEU A 35 1.23 3.69 24.14
C LEU A 35 0.15 2.66 23.92
N ARG A 36 -1.10 3.07 24.08
CA ARG A 36 -2.24 2.18 23.99
C ARG A 36 -2.85 2.26 22.60
N LEU A 37 -2.63 1.20 21.82
CA LEU A 37 -3.12 1.11 20.44
C LEU A 37 -4.31 0.19 20.36
N VAL A 38 -5.11 0.34 19.31
CA VAL A 38 -6.26 -0.52 19.11
C VAL A 38 -6.43 -0.87 17.63
N SER A 39 -6.97 -2.06 17.38
CA SER A 39 -7.24 -2.53 16.03
C SER A 39 -8.48 -3.40 16.07
N SER A 40 -9.22 -3.42 14.96
CA SER A 40 -10.39 -4.29 14.85
C SER A 40 -10.00 -5.69 14.41
N ALA A 41 -8.76 -5.84 13.92
CA ALA A 41 -8.26 -7.10 13.38
C ALA A 41 -6.91 -7.45 13.97
N ASP A 42 -6.63 -8.74 14.07
CA ASP A 42 -5.32 -9.24 14.49
C ASP A 42 -4.33 -9.01 13.35
N VAL A 43 -3.04 -9.01 13.69
CA VAL A 43 -2.00 -9.03 12.66
C VAL A 43 -2.17 -10.26 11.77
N ASP A 44 -1.80 -10.15 10.51
CA ASP A 44 -1.79 -11.32 9.63
C ASP A 44 -0.60 -12.24 9.95
N SER A 45 0.52 -11.63 10.37
CA SER A 45 1.71 -12.38 10.77
C SER A 45 2.66 -11.50 11.58
N LEU A 46 3.40 -12.13 12.49
CA LEU A 46 4.53 -11.48 13.16
C LEU A 46 5.88 -11.87 12.55
N ASP A 47 5.85 -12.70 11.51
CA ASP A 47 7.03 -12.92 10.69
C ASP A 47 7.12 -11.72 9.76
N PRO A 48 8.24 -10.97 9.82
CA PRO A 48 8.33 -9.74 9.01
C PRO A 48 8.20 -9.99 7.50
N ALA A 49 8.47 -11.22 7.06
CA ALA A 49 8.40 -11.56 5.64
C ALA A 49 7.01 -11.97 5.16
N ARG A 50 6.10 -12.22 6.10
CA ARG A 50 4.81 -12.85 5.77
C ARG A 50 3.61 -11.96 5.97
N THR A 51 3.86 -10.66 6.16
CA THR A 51 2.79 -9.69 6.31
C THR A 51 2.55 -8.86 5.06
N TYR A 52 1.26 -8.67 4.75
CA TYR A 52 0.83 -7.83 3.63
C TYR A 52 -0.20 -6.81 4.07
N TYR A 53 -0.24 -6.52 5.38
CA TYR A 53 -1.08 -5.46 5.92
C TYR A 53 -0.28 -4.19 6.04
N VAL A 54 -0.79 -3.09 5.48
CA VAL A 54 -0.10 -1.80 5.56
C VAL A 54 0.17 -1.40 7.01
N TRP A 55 -0.80 -1.63 7.89
CA TRP A 55 -0.66 -1.26 9.29
C TRP A 55 0.34 -2.14 10.06
N VAL A 56 0.56 -3.36 9.57
CA VAL A 56 1.58 -4.21 10.16
C VAL A 56 2.97 -3.80 9.63
N TRP A 57 3.05 -3.37 8.37
CA TRP A 57 4.29 -2.76 7.88
C TRP A 57 4.65 -1.56 8.74
N LEU A 58 3.64 -0.78 9.08
CA LEU A 58 3.79 0.39 9.94
C LEU A 58 4.28 -0.02 11.34
N LEU A 59 3.67 -1.08 11.90
CA LEU A 59 4.08 -1.61 13.20
C LEU A 59 5.50 -2.17 13.16
N GLN A 60 5.89 -2.73 12.01
CA GLN A 60 7.24 -3.27 11.84
C GLN A 60 8.35 -2.22 12.01
N ARG A 61 8.00 -0.95 11.85
CA ARG A 61 8.97 0.12 12.06
C ARG A 61 9.43 0.17 13.54
N LEU A 62 8.62 -0.38 14.44
CA LEU A 62 9.00 -0.50 15.85
C LEU A 62 9.83 -1.74 16.16
N LEU A 63 9.60 -2.79 15.37
CA LEU A 63 10.11 -4.14 15.67
C LEU A 63 11.40 -4.49 14.94
N ASN A 64 11.55 -4.03 13.71
CA ASN A 64 12.69 -4.44 12.89
C ASN A 64 13.24 -3.33 12.05
N ARG A 65 14.57 -3.19 12.06
CA ARG A 65 15.24 -2.26 11.20
C ARG A 65 15.51 -2.90 9.84
N THR A 66 15.80 -2.07 8.85
CA THR A 66 16.05 -2.51 7.49
C THR A 66 17.25 -1.72 6.95
N LEU A 67 17.78 -2.11 5.80
CA LEU A 67 18.91 -1.37 5.22
C LEU A 67 18.56 0.09 5.02
N MET A 68 17.38 0.31 4.43
CA MET A 68 16.83 1.63 4.18
C MET A 68 15.48 1.71 4.87
N ALA A 69 15.05 2.91 5.24
CA ALA A 69 13.73 3.09 5.86
C ALA A 69 13.15 4.43 5.47
N TYR A 70 11.83 4.52 5.44
CA TYR A 70 11.20 5.82 5.21
C TYR A 70 11.51 6.72 6.41
N PRO A 71 12.00 7.94 6.14
CA PRO A 71 12.43 8.79 7.24
C PRO A 71 11.26 9.28 8.08
N THR A 72 11.57 9.74 9.28
CA THR A 72 10.57 10.27 10.19
C THR A 72 10.31 11.73 9.81
N ASP A 73 9.41 11.91 8.84
CA ASP A 73 9.22 13.20 8.18
C ASP A 73 7.82 13.27 7.59
N PRO A 74 7.02 14.27 8.01
CA PRO A 74 5.68 14.47 7.44
C PRO A 74 5.68 15.02 6.01
N GLY A 75 6.81 15.57 5.57
CA GLY A 75 6.92 16.19 4.25
C GLY A 75 7.26 15.21 3.14
N PRO A 76 7.41 15.71 1.89
CA PRO A 76 7.71 14.91 0.70
C PRO A 76 8.94 14.02 0.84
N ALA A 77 9.92 14.42 1.65
CA ALA A 77 11.11 13.60 1.88
C ALA A 77 10.76 12.26 2.54
N GLY A 78 9.60 12.20 3.19
CA GLY A 78 9.09 10.95 3.76
C GLY A 78 8.91 9.83 2.74
N LEU A 79 8.83 10.20 1.47
CA LEU A 79 8.63 9.24 0.38
C LEU A 79 9.95 8.66 -0.14
N VAL A 80 11.07 9.20 0.33
CA VAL A 80 12.38 8.80 -0.19
C VAL A 80 13.11 7.97 0.87
N PRO A 81 13.34 6.67 0.60
CA PRO A 81 14.03 5.84 1.60
C PRO A 81 15.37 6.43 2.03
N ALA A 82 15.61 6.38 3.34
CA ALA A 82 16.82 6.93 3.96
C ALA A 82 17.65 5.81 4.59
N PRO A 83 18.97 6.02 4.76
CA PRO A 83 19.78 4.98 5.38
C PRO A 83 19.29 4.63 6.78
N ASP A 84 19.18 3.34 7.06
CA ASP A 84 18.78 2.86 8.37
C ASP A 84 19.90 1.97 8.92
N LEU A 85 19.89 0.68 8.58
CA LEU A 85 21.01 -0.19 8.94
C LEU A 85 22.22 0.10 8.08
N ALA A 86 21.98 0.53 6.84
CA ALA A 86 23.06 0.92 5.94
C ALA A 86 23.60 2.30 6.33
N GLU A 87 24.89 2.53 6.05
CA GLU A 87 25.49 3.82 6.37
C GLU A 87 25.12 4.90 5.34
N GLY A 88 24.75 4.46 4.13
CA GLY A 88 24.31 5.35 3.07
C GLY A 88 23.29 4.69 2.17
N PRO A 89 22.68 5.48 1.26
CA PRO A 89 21.72 4.89 0.30
C PRO A 89 22.41 3.88 -0.62
N GLY A 90 21.61 2.99 -1.21
CA GLY A 90 22.13 2.00 -2.14
C GLY A 90 23.04 2.59 -3.18
N GLU A 91 24.22 2.01 -3.34
CA GLU A 91 25.19 2.44 -4.35
C GLU A 91 24.86 1.73 -5.64
N VAL A 92 24.50 2.49 -6.65
CA VAL A 92 24.02 1.94 -7.91
C VAL A 92 25.16 1.85 -8.93
N SER A 93 25.30 0.67 -9.53
CA SER A 93 26.25 0.46 -10.62
C SER A 93 25.62 -0.44 -11.69
N ASP A 94 26.35 -0.65 -12.79
CA ASP A 94 25.90 -1.49 -13.90
C ASP A 94 24.54 -1.07 -14.49
N GLY A 95 24.35 0.24 -14.61
CA GLY A 95 23.14 0.81 -15.20
C GLY A 95 21.87 0.44 -14.47
N GLY A 96 21.92 0.45 -13.15
CA GLY A 96 20.75 0.15 -12.31
C GLY A 96 20.58 -1.32 -11.96
N ARG A 97 21.56 -2.14 -12.35
CA ARG A 97 21.49 -3.59 -12.15
C ARG A 97 22.17 -4.06 -10.87
N THR A 98 23.11 -3.28 -10.35
CA THR A 98 23.86 -3.69 -9.17
C THR A 98 23.75 -2.68 -8.03
N TRP A 99 23.34 -3.17 -6.87
CA TRP A 99 23.08 -2.33 -5.72
C TRP A 99 23.90 -2.80 -4.52
N THR A 100 24.72 -1.90 -4.00
CA THR A 100 25.63 -2.20 -2.90
C THR A 100 25.27 -1.39 -1.66
N TYR A 101 25.25 -2.06 -0.51
CA TYR A 101 24.99 -1.43 0.79
C TYR A 101 26.09 -1.79 1.78
N ARG A 102 26.37 -0.85 2.67
CA ARG A 102 27.39 -1.02 3.70
C ARG A 102 26.74 -0.87 5.06
N LEU A 103 26.80 -1.94 5.85
CA LEU A 103 26.09 -2.02 7.11
C LEU A 103 26.84 -1.34 8.26
N ARG A 104 26.08 -0.71 9.15
CA ARG A 104 26.63 -0.20 10.41
C ARG A 104 27.20 -1.36 11.22
N ARG A 105 28.31 -1.09 11.92
CA ARG A 105 29.02 -2.13 12.67
C ARG A 105 28.51 -2.24 14.10
N GLY A 106 28.66 -3.43 14.67
CA GLY A 106 28.37 -3.67 16.08
C GLY A 106 26.92 -3.65 16.52
N LEU A 107 25.99 -3.74 15.56
CA LEU A 107 24.56 -3.73 15.88
C LEU A 107 24.10 -5.12 16.31
N ARG A 108 23.06 -5.16 17.13
CA ARG A 108 22.64 -6.40 17.79
C ARG A 108 21.13 -6.62 17.79
N TYR A 109 20.73 -7.88 17.77
CA TYR A 109 19.34 -8.29 17.97
C TYR A 109 18.97 -8.25 19.44
N ASP A 110 17.69 -8.44 19.72
CA ASP A 110 17.15 -8.45 21.09
C ASP A 110 17.76 -9.52 22.01
N ASP A 111 18.38 -10.55 21.41
CA ASP A 111 19.03 -11.61 22.18
C ASP A 111 20.52 -11.34 22.39
N GLY A 112 20.99 -10.18 21.93
CA GLY A 112 22.38 -9.76 22.13
C GLY A 112 23.33 -10.20 21.03
N THR A 113 22.84 -11.00 20.10
CA THR A 113 23.68 -11.54 19.02
C THR A 113 23.86 -10.51 17.88
N PRO A 114 24.96 -10.61 17.11
CA PRO A 114 25.29 -9.60 16.10
C PRO A 114 24.43 -9.64 14.84
N ILE A 115 24.13 -8.46 14.31
CA ILE A 115 23.51 -8.31 12.99
C ILE A 115 24.61 -8.23 11.94
N THR A 116 24.56 -9.14 10.96
CA THR A 116 25.54 -9.15 9.87
C THR A 116 24.84 -9.16 8.51
N SER A 117 25.62 -8.88 7.46
CA SER A 117 25.12 -8.87 6.10
C SER A 117 24.53 -10.23 5.68
N ASP A 118 25.07 -11.31 6.24
CA ASP A 118 24.53 -12.66 6.03
C ASP A 118 23.05 -12.74 6.41
N ASP A 119 22.64 -11.97 7.41
CA ASP A 119 21.26 -11.98 7.91
C ASP A 119 20.31 -11.27 6.96
N VAL A 120 20.82 -10.25 6.27
CA VAL A 120 20.03 -9.53 5.28
C VAL A 120 19.86 -10.42 4.05
N ARG A 121 20.94 -11.05 3.61
CA ARG A 121 20.83 -12.02 2.53
C ARG A 121 19.86 -13.13 2.90
N HIS A 122 19.95 -13.63 4.13
CA HIS A 122 19.07 -14.69 4.57
C HIS A 122 17.60 -14.29 4.51
N ALA A 123 17.31 -13.06 4.96
CA ALA A 123 15.95 -12.53 4.89
C ALA A 123 15.42 -12.51 3.46
N VAL A 124 16.24 -12.02 2.53
CA VAL A 124 15.86 -11.97 1.12
C VAL A 124 15.68 -13.39 0.56
N GLN A 125 16.58 -14.30 0.95
CA GLN A 125 16.48 -15.69 0.53
C GLN A 125 15.18 -16.34 1.01
N ARG A 126 14.79 -16.03 2.25
CA ARG A 126 13.55 -16.56 2.85
C ARG A 126 12.31 -16.31 1.98
N VAL A 127 12.27 -15.14 1.35
CA VAL A 127 11.15 -14.78 0.48
C VAL A 127 10.91 -15.82 -0.62
N PHE A 128 11.99 -16.47 -1.06
CA PHE A 128 11.92 -17.48 -2.11
C PHE A 128 11.22 -18.77 -1.66
N ALA A 129 11.16 -19.01 -0.35
CA ALA A 129 10.54 -20.21 0.18
C ALA A 129 9.03 -20.00 0.34
N GLN A 130 8.34 -19.84 -0.79
CA GLN A 130 6.90 -19.55 -0.78
C GLN A 130 6.03 -20.72 -0.32
N ASP A 131 6.62 -21.92 -0.30
CA ASP A 131 5.95 -23.10 0.25
C ASP A 131 5.90 -23.09 1.78
N VAL A 132 6.83 -22.37 2.42
CA VAL A 132 6.93 -22.34 3.87
C VAL A 132 6.50 -20.97 4.44
N LEU A 133 6.84 -19.90 3.73
CA LEU A 133 6.67 -18.53 4.23
C LEU A 133 5.77 -17.64 3.34
N PRO A 134 4.61 -18.14 2.90
CA PRO A 134 3.76 -17.31 2.06
C PRO A 134 3.13 -16.17 2.87
N GLY A 135 2.73 -15.11 2.17
CA GLY A 135 1.93 -14.05 2.79
C GLY A 135 2.45 -12.64 2.58
N GLY A 136 3.71 -12.51 2.21
CA GLY A 136 4.32 -11.19 2.01
C GLY A 136 4.68 -10.90 0.57
N PRO A 137 5.22 -9.69 0.32
CA PRO A 137 5.59 -9.29 -1.05
C PRO A 137 6.70 -10.15 -1.65
N THR A 138 6.67 -10.29 -2.97
CA THR A 138 7.62 -11.16 -3.68
C THR A 138 8.31 -10.46 -4.84
N TYR A 139 8.32 -9.13 -4.81
CA TYR A 139 9.03 -8.32 -5.81
C TYR A 139 10.49 -8.75 -6.01
N LEU A 140 11.12 -9.22 -4.93
CA LEU A 140 12.54 -9.60 -4.99
C LEU A 140 12.82 -10.84 -5.83
N ILE A 141 11.85 -11.72 -5.96
CA ILE A 141 12.05 -13.01 -6.63
C ILE A 141 12.46 -12.86 -8.11
N PRO A 142 11.64 -12.21 -8.95
CA PRO A 142 12.09 -12.06 -10.34
C PRO A 142 13.37 -11.23 -10.51
N LEU A 143 13.63 -10.32 -9.58
CA LEU A 143 14.81 -9.46 -9.65
C LEU A 143 16.11 -10.20 -9.30
N LEU A 144 15.99 -11.31 -8.57
CA LEU A 144 17.18 -12.02 -8.08
C LEU A 144 17.31 -13.46 -8.54
N ASP A 145 16.24 -14.04 -9.06
CA ASP A 145 16.23 -15.44 -9.48
C ASP A 145 16.85 -15.63 -10.87
N ASP A 146 17.68 -16.66 -11.00
CA ASP A 146 18.20 -17.10 -12.28
C ASP A 146 17.24 -18.15 -12.86
N PRO A 147 16.52 -17.80 -13.95
CA PRO A 147 15.58 -18.74 -14.57
C PRO A 147 16.25 -20.04 -15.04
N GLU A 148 17.54 -19.96 -15.36
CA GLU A 148 18.32 -21.12 -15.82
C GLU A 148 18.82 -21.97 -14.65
N ARG A 149 18.75 -21.41 -13.43
CA ARG A 149 19.20 -22.11 -12.24
C ARG A 149 18.38 -21.63 -11.03
N PRO A 150 17.09 -22.01 -10.98
CA PRO A 150 16.17 -21.47 -9.97
C PRO A 150 16.62 -21.70 -8.54
N TYR A 151 16.43 -20.69 -7.70
CA TYR A 151 16.78 -20.78 -6.29
C TYR A 151 15.58 -21.29 -5.50
N PRO A 152 15.73 -22.43 -4.79
CA PRO A 152 14.60 -23.05 -4.11
C PRO A 152 14.37 -22.58 -2.68
N GLY A 153 15.03 -21.50 -2.26
CA GLY A 153 14.91 -21.02 -0.90
C GLY A 153 15.93 -21.64 0.03
N PRO A 154 16.12 -21.05 1.23
CA PRO A 154 17.21 -21.41 2.12
C PRO A 154 17.01 -22.70 2.93
N TYR A 155 15.83 -23.31 2.82
CA TYR A 155 15.56 -24.56 3.53
C TYR A 155 15.84 -25.78 2.65
N ARG A 156 15.76 -25.57 1.33
CA ARG A 156 15.96 -26.64 0.35
C ARG A 156 17.40 -26.73 -0.16
N THR A 157 18.16 -25.67 0.04
CA THR A 157 19.60 -25.66 -0.24
C THR A 157 20.31 -24.70 0.71
N ASP A 158 21.55 -25.04 1.07
CA ASP A 158 22.35 -24.14 1.90
C ASP A 158 23.33 -23.30 1.07
N GLU A 159 23.29 -23.49 -0.25
CA GLU A 159 24.04 -22.61 -1.14
C GLU A 159 23.32 -21.27 -1.24
N PRO A 160 24.04 -20.17 -0.93
CA PRO A 160 23.42 -18.86 -1.02
C PRO A 160 22.93 -18.51 -2.42
N LEU A 161 21.95 -17.61 -2.47
CA LEU A 161 21.47 -17.03 -3.71
C LEU A 161 22.66 -16.38 -4.43
N ARG A 162 22.87 -16.77 -5.68
CA ARG A 162 24.08 -16.39 -6.42
C ARG A 162 24.10 -14.92 -6.85
N SER A 163 22.92 -14.30 -6.81
CA SER A 163 22.77 -12.90 -7.15
C SER A 163 22.97 -11.99 -5.95
N VAL A 164 23.21 -12.59 -4.78
CA VAL A 164 23.43 -11.80 -3.57
C VAL A 164 24.80 -12.14 -2.96
N LEU A 165 25.70 -11.16 -2.96
CA LEU A 165 27.03 -11.36 -2.41
C LEU A 165 27.21 -10.69 -1.05
N THR A 166 27.98 -11.34 -0.19
CA THR A 166 28.35 -10.76 1.10
C THR A 166 29.87 -10.83 1.28
N PRO A 167 30.63 -9.95 0.59
CA PRO A 167 32.10 -10.01 0.64
C PRO A 167 32.69 -9.90 2.05
N ASP A 168 32.00 -9.21 2.95
CA ASP A 168 32.30 -9.30 4.38
C ASP A 168 31.03 -9.15 5.22
N GLU A 169 31.17 -9.20 6.55
CA GLU A 169 30.03 -9.18 7.46
C GLU A 169 29.24 -7.86 7.46
N HIS A 170 29.80 -6.84 6.80
CA HIS A 170 29.18 -5.51 6.79
C HIS A 170 28.96 -4.97 5.37
N THR A 171 28.94 -5.86 4.39
CA THR A 171 28.74 -5.48 2.99
C THR A 171 27.80 -6.46 2.31
N ILE A 172 26.86 -5.93 1.54
CA ILE A 172 25.95 -6.75 0.75
C ILE A 172 25.78 -6.17 -0.64
N VAL A 173 25.85 -7.04 -1.65
CA VAL A 173 25.76 -6.64 -3.05
C VAL A 173 24.63 -7.42 -3.73
N PHE A 174 23.68 -6.70 -4.33
CA PHE A 174 22.58 -7.31 -5.07
C PHE A 174 22.81 -7.16 -6.57
N ARG A 175 22.95 -8.28 -7.26
CA ARG A 175 23.13 -8.29 -8.72
C ARG A 175 21.80 -8.66 -9.37
N LEU A 176 21.08 -7.64 -9.84
CA LEU A 176 19.73 -7.82 -10.34
C LEU A 176 19.70 -8.37 -11.75
N THR A 177 18.59 -9.02 -12.10
CA THR A 177 18.41 -9.61 -13.43
C THR A 177 18.07 -8.56 -14.48
N ARG A 178 17.74 -7.35 -14.02
CA ARG A 178 17.34 -6.24 -14.89
C ARG A 178 17.51 -4.94 -14.11
N PRO A 179 17.62 -3.79 -14.79
CA PRO A 179 17.68 -2.53 -14.07
C PRO A 179 16.41 -2.30 -13.23
N PHE A 180 16.58 -1.78 -12.02
CA PHE A 180 15.44 -1.49 -11.16
C PHE A 180 15.70 -0.23 -10.34
N SER A 181 15.15 0.89 -10.82
CA SER A 181 15.37 2.20 -10.23
C SER A 181 14.96 2.30 -8.75
N ASP A 182 13.99 1.49 -8.36
CA ASP A 182 13.34 1.63 -7.05
C ASP A 182 13.84 0.67 -5.97
N PHE A 183 15.06 0.17 -6.11
CA PHE A 183 15.52 -0.88 -5.20
C PHE A 183 15.61 -0.49 -3.72
N ASP A 184 15.97 0.77 -3.43
CA ASP A 184 15.99 1.25 -2.04
C ASP A 184 14.63 1.04 -1.36
N HIS A 185 13.56 1.14 -2.14
CA HIS A 185 12.20 0.93 -1.64
C HIS A 185 11.98 -0.51 -1.21
N LEU A 186 12.49 -1.44 -2.02
CA LEU A 186 12.40 -2.86 -1.68
C LEU A 186 13.19 -3.17 -0.41
N MET A 187 14.30 -2.46 -0.22
CA MET A 187 15.13 -2.65 0.96
C MET A 187 14.56 -2.00 2.21
N ALA A 188 13.46 -1.26 2.03
CA ALA A 188 12.77 -0.60 3.14
C ALA A 188 11.56 -1.41 3.64
N GLN A 189 11.32 -2.55 3.00
CA GLN A 189 10.17 -3.39 3.33
C GLN A 189 10.55 -4.45 4.37
N PRO A 190 9.61 -4.79 5.28
CA PRO A 190 9.93 -5.75 6.35
C PRO A 190 10.39 -7.14 5.90
N CYS A 191 10.05 -7.55 4.67
CA CYS A 191 10.56 -8.82 4.15
C CYS A 191 12.07 -8.80 3.89
N ALA A 192 12.67 -7.59 3.94
CA ALA A 192 14.12 -7.45 3.80
C ALA A 192 14.82 -7.08 5.12
N ALA A 193 14.06 -7.03 6.21
CA ALA A 193 14.65 -6.89 7.55
C ALA A 193 15.45 -8.14 7.90
N PRO A 194 16.67 -7.96 8.44
CA PRO A 194 17.53 -9.12 8.66
C PRO A 194 16.91 -10.19 9.56
N VAL A 195 17.14 -11.45 9.18
CA VAL A 195 16.72 -12.60 9.98
C VAL A 195 17.96 -13.50 10.06
N PRO A 196 18.48 -13.73 11.28
CA PRO A 196 19.66 -14.58 11.39
C PRO A 196 19.26 -16.05 11.24
N ARG A 197 19.95 -16.75 10.35
CA ARG A 197 19.62 -18.15 10.06
C ARG A 197 19.56 -19.00 11.35
N ARG A 198 20.47 -18.73 12.29
CA ARG A 198 20.50 -19.45 13.57
C ARG A 198 19.18 -19.45 14.35
N SER A 199 18.37 -18.39 14.19
CA SER A 199 17.10 -18.25 14.91
C SER A 199 15.89 -18.46 14.01
N ASP A 200 16.14 -18.81 12.76
CA ASP A 200 15.05 -18.95 11.79
C ASP A 200 14.35 -20.30 11.92
N THR A 201 13.23 -20.30 12.64
CA THR A 201 12.40 -21.49 12.84
C THR A 201 11.37 -21.68 11.71
N GLY A 202 11.58 -21.01 10.58
CA GLY A 202 10.76 -21.23 9.38
C GLY A 202 9.29 -20.86 9.55
N ALA A 203 8.42 -21.84 9.35
CA ALA A 203 6.98 -21.65 9.46
C ALA A 203 6.55 -21.11 10.83
N ASP A 204 7.39 -21.35 11.83
CA ASP A 204 7.09 -20.97 13.22
C ASP A 204 7.77 -19.67 13.65
N TYR A 205 8.44 -18.98 12.72
CA TYR A 205 9.24 -17.81 13.08
C TYR A 205 8.45 -16.70 13.78
N GLY A 206 7.21 -16.49 13.34
CA GLY A 206 6.33 -15.47 13.93
C GLY A 206 6.03 -15.67 15.41
N ARG A 207 6.19 -16.91 15.88
CA ARG A 207 5.93 -17.25 17.28
C ARG A 207 7.05 -16.78 18.22
N ASP A 208 8.22 -16.50 17.64
CA ASP A 208 9.36 -16.01 18.40
C ASP A 208 10.37 -15.34 17.45
N PRO A 209 9.98 -14.21 16.83
CA PRO A 209 10.89 -13.58 15.88
C PRO A 209 11.95 -12.75 16.60
N ARG A 210 13.14 -12.65 16.00
CA ARG A 210 14.14 -11.74 16.50
C ARG A 210 13.74 -10.30 16.15
N SER A 211 14.20 -9.36 16.97
CA SER A 211 13.97 -7.95 16.73
C SER A 211 15.29 -7.21 16.58
N SER A 212 15.39 -6.38 15.55
CA SER A 212 16.51 -5.48 15.41
C SER A 212 16.10 -4.04 15.71
N GLY A 213 14.80 -3.84 15.93
CA GLY A 213 14.25 -2.52 16.22
C GLY A 213 14.25 -2.20 17.70
N PRO A 214 13.75 -1.01 18.06
CA PRO A 214 13.70 -0.57 19.46
C PRO A 214 12.78 -1.37 20.37
N TYR A 215 11.86 -2.13 19.78
CA TYR A 215 10.93 -2.95 20.56
C TYR A 215 10.95 -4.40 20.10
N ARG A 216 10.54 -5.28 21.00
CA ARG A 216 10.38 -6.69 20.70
C ARG A 216 9.02 -7.15 21.20
N VAL A 217 8.54 -8.26 20.65
CA VAL A 217 7.27 -8.85 21.06
C VAL A 217 7.41 -9.43 22.48
N ALA A 218 6.61 -8.93 23.41
CA ALA A 218 6.58 -9.44 24.78
C ALA A 218 5.52 -10.53 24.91
N ARG A 219 4.38 -10.32 24.26
CA ARG A 219 3.29 -11.28 24.26
C ARG A 219 2.34 -11.02 23.11
N HIS A 220 1.93 -12.09 22.44
CA HIS A 220 0.86 -12.04 21.45
C HIS A 220 -0.18 -13.08 21.82
N GLU A 221 -1.41 -12.61 22.08
CA GLU A 221 -2.53 -13.50 22.30
C GLU A 221 -3.48 -13.31 21.12
N PRO A 222 -3.58 -14.33 20.24
CA PRO A 222 -4.38 -14.20 19.02
C PRO A 222 -5.77 -13.63 19.26
N ASP A 223 -6.15 -12.68 18.42
CA ASP A 223 -7.46 -12.01 18.45
C ASP A 223 -7.73 -11.24 19.76
N THR A 224 -6.68 -11.00 20.54
CA THR A 224 -6.86 -10.41 21.86
C THR A 224 -5.91 -9.25 22.15
N LEU A 225 -4.61 -9.49 22.09
CA LEU A 225 -3.64 -8.45 22.40
C LEU A 225 -2.26 -8.72 21.80
N LEU A 226 -1.49 -7.64 21.69
CA LEU A 226 -0.08 -7.71 21.32
C LEU A 226 0.64 -6.66 22.15
N HIS A 227 1.57 -7.11 22.98
CA HIS A 227 2.36 -6.23 23.82
C HIS A 227 3.80 -6.21 23.38
N LEU A 228 4.34 -5.00 23.25
CA LEU A 228 5.73 -4.79 22.86
C LEU A 228 6.49 -4.13 24.02
N GLU A 229 7.69 -4.65 24.26
CA GLU A 229 8.59 -4.08 25.28
C GLU A 229 9.86 -3.60 24.59
N ARG A 230 10.66 -2.79 25.29
CA ARG A 230 11.91 -2.31 24.74
C ARG A 230 12.88 -3.46 24.43
N ASN A 231 13.56 -3.32 23.30
CA ASN A 231 14.67 -4.18 22.95
C ASN A 231 15.92 -3.65 23.65
N PRO A 232 16.43 -4.41 24.65
CA PRO A 232 17.53 -3.89 25.47
C PRO A 232 18.85 -3.72 24.73
N HIS A 233 18.97 -4.31 23.55
CA HIS A 233 20.21 -4.26 22.78
C HIS A 233 20.16 -3.27 21.60
N TRP A 234 18.99 -2.67 21.37
CA TRP A 234 18.87 -1.63 20.35
C TRP A 234 19.63 -0.39 20.83
N ASP A 235 20.41 0.21 19.92
CA ASP A 235 21.29 1.32 20.26
C ASP A 235 20.81 2.61 19.61
N ARG A 236 20.23 3.46 20.44
CA ARG A 236 19.69 4.76 20.04
C ARG A 236 20.67 5.59 19.19
N ALA A 237 21.95 5.56 19.56
CA ALA A 237 22.98 6.33 18.87
C ALA A 237 23.24 5.88 17.44
N THR A 238 22.78 4.67 17.10
CA THR A 238 23.00 4.09 15.78
C THR A 238 21.77 4.16 14.88
N ASP A 239 20.68 4.71 15.40
CA ASP A 239 19.41 4.72 14.69
C ASP A 239 18.99 6.15 14.34
N PRO A 240 19.05 6.52 13.04
CA PRO A 240 18.67 7.88 12.61
C PRO A 240 17.17 8.06 12.37
N ILE A 241 16.39 7.00 12.59
CA ILE A 241 14.96 6.99 12.25
C ILE A 241 14.06 7.05 13.48
N ARG A 242 14.38 6.25 14.50
CA ARG A 242 13.44 5.90 15.55
C ARG A 242 13.72 6.55 16.91
N PRO A 243 12.80 7.40 17.39
CA PRO A 243 12.98 8.01 18.72
C PRO A 243 12.65 7.11 19.91
N ALA A 244 11.92 6.02 19.68
CA ALA A 244 11.58 5.04 20.73
C ALA A 244 11.20 5.67 22.07
N LEU A 245 10.15 6.48 22.05
CA LEU A 245 9.74 7.21 23.25
C LEU A 245 9.02 6.36 24.31
N PRO A 246 7.96 5.62 23.93
CA PRO A 246 7.27 4.89 24.99
C PRO A 246 8.11 3.74 25.56
N ASP A 247 7.88 3.42 26.83
CA ASP A 247 8.53 2.26 27.44
C ASP A 247 7.86 0.96 27.00
N ARG A 248 6.59 1.06 26.59
CA ARG A 248 5.80 -0.12 26.26
C ARG A 248 4.74 0.28 25.24
N VAL A 249 4.37 -0.69 24.40
CA VAL A 249 3.29 -0.50 23.44
C VAL A 249 2.31 -1.65 23.62
N GLU A 250 1.05 -1.32 23.86
CA GLU A 250 0.02 -2.32 24.07
C GLU A 250 -1.08 -2.18 23.04
N LEU A 251 -1.22 -3.19 22.19
CA LEU A 251 -2.28 -3.24 21.19
C LEU A 251 -3.43 -4.11 21.67
N THR A 252 -4.63 -3.53 21.72
CA THR A 252 -5.86 -4.26 21.98
C THR A 252 -6.49 -4.61 20.63
N ILE A 253 -6.83 -5.89 20.48
CA ILE A 253 -7.25 -6.46 19.20
C ILE A 253 -8.68 -6.99 19.24
N GLY A 254 -9.39 -6.82 18.13
CA GLY A 254 -10.66 -7.55 17.90
C GLY A 254 -11.96 -6.82 18.14
N LEU A 255 -11.88 -5.51 18.38
CA LEU A 255 -13.09 -4.72 18.61
C LEU A 255 -13.90 -4.47 17.34
N ASP A 256 -15.21 -4.47 17.49
CA ASP A 256 -16.11 -3.97 16.44
C ASP A 256 -15.65 -2.57 16.08
N VAL A 257 -15.75 -2.21 14.79
CA VAL A 257 -15.22 -0.93 14.32
C VAL A 257 -15.86 0.29 14.98
N ASP A 258 -17.16 0.22 15.28
CA ASP A 258 -17.83 1.35 15.94
C ASP A 258 -17.52 1.41 17.43
N VAL A 259 -17.41 0.24 18.06
CA VAL A 259 -16.94 0.11 19.43
C VAL A 259 -15.55 0.75 19.54
N LEU A 260 -14.66 0.41 18.60
CA LEU A 260 -13.31 0.98 18.54
C LEU A 260 -13.33 2.51 18.53
N ASP A 261 -14.09 3.09 17.59
CA ASP A 261 -14.16 4.55 17.46
C ASP A 261 -14.65 5.21 18.75
N ALA A 262 -15.69 4.63 19.35
CA ALA A 262 -16.27 5.20 20.57
C ALA A 262 -15.26 5.22 21.71
N ARG A 263 -14.53 4.12 21.87
CA ARG A 263 -13.57 3.99 22.97
C ARG A 263 -12.31 4.82 22.72
N LEU A 264 -11.93 4.94 21.45
CA LEU A 264 -10.83 5.82 21.05
C LEU A 264 -11.15 7.28 21.39
N ILE A 265 -12.32 7.73 20.94
CA ILE A 265 -12.73 9.13 21.17
C ILE A 265 -12.90 9.41 22.67
N ALA A 266 -13.33 8.41 23.42
CA ALA A 266 -13.46 8.50 24.89
C ALA A 266 -12.10 8.53 25.61
N GLY A 267 -11.04 8.18 24.91
CA GLY A 267 -9.68 8.22 25.48
C GLY A 267 -9.19 6.92 26.11
N GLU A 268 -9.95 5.84 25.95
CA GLU A 268 -9.56 4.53 26.48
C GLU A 268 -8.39 3.93 25.69
N PHE A 269 -8.28 4.34 24.44
CA PHE A 269 -7.13 4.01 23.60
C PHE A 269 -6.57 5.31 23.05
N ASP A 270 -5.28 5.31 22.77
CA ASP A 270 -4.61 6.52 22.32
C ASP A 270 -4.80 6.75 20.83
N ILE A 271 -4.56 5.69 20.04
CA ILE A 271 -4.53 5.74 18.59
C ILE A 271 -5.03 4.42 18.01
N ASN A 272 -5.77 4.51 16.90
CA ASN A 272 -6.15 3.33 16.12
C ASN A 272 -4.99 2.94 15.22
N LEU A 273 -4.33 1.82 15.54
CA LEU A 273 -3.19 1.32 14.77
C LEU A 273 -3.60 0.83 13.39
N GLU A 274 -4.72 0.12 13.32
CA GLU A 274 -5.18 -0.46 12.07
C GLU A 274 -5.39 0.63 11.01
N GLY A 275 -5.89 1.78 11.46
CA GLY A 275 -5.92 2.99 10.65
C GLY A 275 -6.89 3.02 9.48
N ARG A 276 -7.99 2.29 9.58
CA ARG A 276 -8.99 2.32 8.51
C ARG A 276 -9.87 3.57 8.57
N GLY A 277 -9.58 4.45 9.53
CA GLY A 277 -10.30 5.71 9.69
C GLY A 277 -11.52 5.57 10.56
N LEU A 278 -12.14 6.71 10.87
CA LEU A 278 -13.41 6.71 11.57
C LEU A 278 -14.51 6.15 10.69
N GLN A 279 -15.38 5.34 11.29
CA GLN A 279 -16.56 4.80 10.61
C GLN A 279 -17.65 5.87 10.57
N HIS A 280 -18.75 5.57 9.89
CA HIS A 280 -19.77 6.57 9.59
C HIS A 280 -20.26 7.35 10.82
N ALA A 281 -20.61 6.64 11.88
CA ALA A 281 -21.14 7.27 13.10
C ALA A 281 -20.15 8.26 13.72
N ALA A 282 -18.90 7.85 13.86
CA ALA A 282 -17.86 8.72 14.42
C ALA A 282 -17.46 9.83 13.45
N GLN A 283 -17.50 9.53 12.15
CA GLN A 283 -17.25 10.54 11.11
C GLN A 283 -18.18 11.74 11.29
N ARG A 284 -19.48 11.50 11.38
CA ARG A 284 -20.45 12.59 11.50
C ARG A 284 -20.33 13.31 12.84
N ARG A 285 -19.98 12.57 13.88
CA ARG A 285 -19.80 13.12 15.22
C ARG A 285 -18.58 14.03 15.29
N ALA A 286 -17.44 13.54 14.78
CA ALA A 286 -16.18 14.26 14.86
C ALA A 286 -16.11 15.49 13.96
N THR A 287 -16.68 15.39 12.76
CA THR A 287 -16.63 16.49 11.79
C THR A 287 -17.61 17.61 12.11
N ALA A 288 -18.61 17.33 12.94
CA ALA A 288 -19.63 18.31 13.30
C ALA A 288 -19.31 19.07 14.59
N ASP A 289 -18.50 18.48 15.45
CA ASP A 289 -18.14 19.07 16.74
C ASP A 289 -16.81 19.82 16.61
N GLU A 290 -16.82 21.09 17.02
CA GLU A 290 -15.65 21.96 16.87
C GLU A 290 -14.43 21.47 17.65
N VAL A 291 -14.66 20.94 18.85
CA VAL A 291 -13.58 20.36 19.64
C VAL A 291 -13.05 19.09 18.99
N LEU A 292 -13.95 18.19 18.59
CA LEU A 292 -13.55 16.95 17.92
C LEU A 292 -12.84 17.15 16.58
N ARG A 293 -13.27 18.15 15.82
CA ARG A 293 -12.62 18.53 14.56
C ARG A 293 -11.14 18.83 14.75
N SER A 294 -10.82 19.45 15.89
CA SER A 294 -9.45 19.86 16.19
C SER A 294 -8.54 18.66 16.47
N HIS A 295 -9.15 17.49 16.66
CA HIS A 295 -8.43 16.24 16.93
C HIS A 295 -8.42 15.31 15.71
N THR A 296 -8.81 15.83 14.55
CA THR A 296 -9.01 14.99 13.38
C THR A 296 -8.17 15.41 12.18
N ASP A 297 -7.61 14.42 11.49
CA ASP A 297 -6.87 14.60 10.24
C ASP A 297 -7.60 13.90 9.11
N ASN A 298 -7.59 14.51 7.93
CA ASN A 298 -8.33 13.99 6.78
C ASN A 298 -7.40 13.81 5.55
N PRO A 299 -6.41 12.92 5.67
CA PRO A 299 -5.41 12.80 4.60
C PRO A 299 -5.90 11.96 3.43
N ARG A 300 -5.23 12.11 2.28
CA ARG A 300 -5.33 11.15 1.20
C ARG A 300 -4.58 9.90 1.65
N THR A 301 -5.09 8.72 1.28
CA THR A 301 -4.45 7.45 1.64
C THR A 301 -3.50 6.96 0.55
N SER A 302 -3.53 7.62 -0.61
CA SER A 302 -2.81 7.22 -1.82
C SER A 302 -3.43 6.03 -2.56
N PHE A 303 -4.56 5.54 -2.04
CA PHE A 303 -5.33 4.51 -2.71
C PHE A 303 -6.17 5.11 -3.83
N LEU A 304 -6.38 4.33 -4.87
CA LEU A 304 -7.24 4.71 -5.98
C LEU A 304 -8.42 3.76 -6.06
N HIS A 305 -9.62 4.32 -6.15
CA HIS A 305 -10.82 3.54 -6.40
C HIS A 305 -11.12 3.65 -7.89
N PHE A 306 -11.30 2.51 -8.55
CA PHE A 306 -11.50 2.50 -9.99
C PHE A 306 -12.36 1.33 -10.47
N VAL A 307 -12.79 1.42 -11.72
CA VAL A 307 -13.47 0.32 -12.39
C VAL A 307 -12.57 -0.15 -13.54
N ALA A 308 -12.34 -1.45 -13.59
CA ALA A 308 -11.56 -2.05 -14.66
C ALA A 308 -12.47 -2.69 -15.68
N MET A 309 -12.12 -2.56 -16.95
CA MET A 309 -12.83 -3.22 -18.04
C MET A 309 -11.93 -4.23 -18.75
N GLN A 310 -12.49 -5.40 -19.02
CA GLN A 310 -11.72 -6.57 -19.43
C GLN A 310 -11.91 -6.91 -20.91
N PRO A 311 -10.90 -6.60 -21.76
CA PRO A 311 -10.99 -6.93 -23.18
C PRO A 311 -11.26 -8.40 -23.49
N HIS A 312 -10.92 -9.29 -22.56
CA HIS A 312 -11.19 -10.72 -22.73
C HIS A 312 -12.67 -11.10 -22.56
N ILE A 313 -13.48 -10.11 -22.17
CA ILE A 313 -14.92 -10.30 -22.03
C ILE A 313 -15.65 -9.42 -23.04
N PRO A 314 -16.05 -9.98 -24.20
CA PRO A 314 -16.84 -9.19 -25.15
C PRO A 314 -18.08 -8.59 -24.50
N PRO A 315 -18.48 -7.38 -24.91
CA PRO A 315 -17.91 -6.58 -25.99
C PRO A 315 -16.81 -5.59 -25.55
N PHE A 316 -16.21 -5.83 -24.39
CA PHE A 316 -15.20 -4.91 -23.86
C PHE A 316 -13.84 -5.02 -24.54
N ASP A 317 -13.75 -5.89 -25.54
CA ASP A 317 -12.58 -5.95 -26.43
C ASP A 317 -12.51 -4.73 -27.34
N ASN A 318 -13.65 -4.07 -27.53
CA ASN A 318 -13.75 -2.91 -28.39
C ASN A 318 -13.48 -1.63 -27.61
N VAL A 319 -12.47 -0.88 -28.03
CA VAL A 319 -12.08 0.36 -27.33
C VAL A 319 -13.25 1.34 -27.21
N HIS A 320 -14.16 1.33 -28.17
CA HIS A 320 -15.27 2.28 -28.19
C HIS A 320 -16.35 1.94 -27.18
N VAL A 321 -16.54 0.64 -26.92
CA VAL A 321 -17.36 0.21 -25.78
C VAL A 321 -16.77 0.77 -24.49
N ARG A 322 -15.45 0.67 -24.36
CA ARG A 322 -14.78 1.09 -23.13
C ARG A 322 -14.85 2.60 -22.95
N ARG A 323 -14.67 3.33 -24.04
CA ARG A 323 -14.79 4.80 -23.99
C ARG A 323 -16.22 5.25 -23.72
N ALA A 324 -17.20 4.53 -24.26
CA ALA A 324 -18.60 4.83 -23.97
C ALA A 324 -18.85 4.78 -22.47
N VAL A 325 -18.33 3.75 -21.82
CA VAL A 325 -18.46 3.61 -20.38
C VAL A 325 -17.82 4.78 -19.64
N GLN A 326 -16.63 5.19 -20.07
CA GLN A 326 -15.94 6.31 -19.43
C GLN A 326 -16.77 7.59 -19.54
N TYR A 327 -17.28 7.88 -20.74
CA TYR A 327 -18.08 9.09 -20.96
C TYR A 327 -19.40 9.09 -20.18
N ALA A 328 -20.01 7.91 -20.03
CA ALA A 328 -21.32 7.78 -19.39
C ALA A 328 -21.25 7.63 -17.87
N ALA A 329 -20.05 7.67 -17.31
CA ALA A 329 -19.86 7.60 -15.87
C ALA A 329 -20.34 8.89 -15.22
N ASP A 330 -21.28 8.77 -14.29
CA ASP A 330 -21.70 9.92 -13.48
C ASP A 330 -20.75 10.00 -12.30
N LYS A 331 -19.72 10.82 -12.43
CA LYS A 331 -18.64 10.88 -11.44
C LYS A 331 -19.12 11.38 -10.08
N ILE A 332 -20.15 12.22 -10.10
CA ILE A 332 -20.74 12.77 -8.88
C ILE A 332 -21.50 11.67 -8.14
N LEU A 333 -22.35 10.95 -8.88
CA LEU A 333 -23.10 9.80 -8.33
C LEU A 333 -22.15 8.73 -7.79
N LEU A 334 -21.08 8.48 -8.52
CA LEU A 334 -20.11 7.46 -8.16
C LEU A 334 -19.34 7.86 -6.89
N GLN A 335 -19.01 9.14 -6.79
CA GLN A 335 -18.36 9.65 -5.58
C GLN A 335 -19.30 9.60 -4.39
N ASP A 336 -20.58 9.92 -4.62
CA ASP A 336 -21.60 9.85 -3.56
C ASP A 336 -21.74 8.43 -3.04
N ALA A 337 -21.62 7.44 -3.93
CA ALA A 337 -21.64 6.04 -3.54
C ALA A 337 -20.43 5.69 -2.67
N ARG A 338 -19.35 6.46 -2.85
CA ARG A 338 -18.09 6.25 -2.12
C ARG A 338 -18.02 7.07 -0.82
N GLY A 339 -19.04 7.88 -0.54
CA GLY A 339 -19.07 8.68 0.68
C GLY A 339 -19.39 10.16 0.49
N GLY A 340 -19.53 10.58 -0.76
CA GLY A 340 -19.94 11.94 -1.08
C GLY A 340 -21.34 12.23 -0.54
N PRO A 341 -21.75 13.51 -0.52
CA PRO A 341 -21.10 14.68 -1.11
C PRO A 341 -19.86 15.24 -0.39
N VAL A 342 -19.65 14.90 0.88
CA VAL A 342 -18.57 15.54 1.67
C VAL A 342 -17.42 14.64 2.13
N ASN A 343 -17.64 13.32 2.11
CA ASN A 343 -16.60 12.37 2.55
C ASN A 343 -16.36 11.23 1.56
N GLY A 344 -16.31 11.58 0.28
CA GLY A 344 -16.14 10.57 -0.77
C GLY A 344 -14.80 10.64 -1.48
N GLY A 345 -13.76 11.05 -0.75
CA GLY A 345 -12.43 11.13 -1.33
C GLY A 345 -12.28 12.28 -2.30
N ASP A 346 -11.31 12.15 -3.20
CA ASP A 346 -10.96 13.21 -4.11
C ASP A 346 -11.17 12.77 -5.55
N LEU A 347 -12.09 13.44 -6.26
CA LEU A 347 -12.37 13.10 -7.65
C LEU A 347 -11.09 13.09 -8.46
N THR A 348 -10.97 12.11 -9.35
CA THR A 348 -9.83 12.04 -10.25
C THR A 348 -10.23 11.55 -11.63
N THR A 349 -9.60 12.10 -12.66
CA THR A 349 -9.79 11.64 -14.04
C THR A 349 -8.55 10.89 -14.55
N ALA A 350 -7.55 10.74 -13.67
CA ALA A 350 -6.36 9.96 -14.00
C ALA A 350 -5.97 9.03 -12.84
N LEU A 351 -4.83 8.36 -12.98
CA LEU A 351 -4.48 7.25 -12.09
C LEU A 351 -3.54 7.61 -10.94
N PHE A 352 -2.42 8.25 -11.26
CA PHE A 352 -1.40 8.58 -10.25
C PHE A 352 -1.94 9.45 -9.13
N PRO A 353 -1.64 9.09 -7.86
CA PRO A 353 -1.87 10.03 -6.75
C PRO A 353 -0.94 11.24 -6.87
N PRO A 354 -1.34 12.40 -6.32
CA PRO A 354 -0.51 13.61 -6.38
C PRO A 354 0.81 13.55 -5.61
N THR A 355 1.03 12.47 -4.85
CA THR A 355 2.31 12.26 -4.15
C THR A 355 3.44 11.90 -5.11
N LEU A 356 3.07 11.39 -6.28
CA LEU A 356 4.06 10.92 -7.24
C LEU A 356 4.45 12.00 -8.24
N PRO A 357 5.76 12.11 -8.54
CA PRO A 357 6.31 13.08 -9.49
C PRO A 357 5.58 13.15 -10.83
N ALA A 358 5.15 12.00 -11.35
CA ALA A 358 4.52 11.94 -12.68
C ALA A 358 3.06 12.43 -12.71
N HIS A 359 2.48 12.69 -11.55
CA HIS A 359 1.11 13.22 -11.49
C HIS A 359 0.91 14.36 -12.50
N GLN A 360 -0.16 14.25 -13.28
CA GLN A 360 -0.39 15.19 -14.38
C GLN A 360 -1.88 15.43 -14.60
N ASP A 361 -2.18 16.54 -15.30
CA ASP A 361 -3.52 16.78 -15.81
C ASP A 361 -3.77 15.87 -16.99
N LEU A 362 -4.76 14.99 -16.85
CA LEU A 362 -5.09 14.05 -17.90
C LEU A 362 -6.57 13.70 -17.78
N ASP A 363 -7.35 14.10 -18.77
CA ASP A 363 -8.79 13.84 -18.79
C ASP A 363 -9.22 13.58 -20.23
N LEU A 364 -8.98 12.35 -20.69
CA LEU A 364 -9.26 12.00 -22.08
C LEU A 364 -10.75 11.89 -22.38
N TYR A 365 -11.55 11.57 -21.35
CA TYR A 365 -12.99 11.36 -21.52
C TYR A 365 -13.80 12.23 -20.56
N PRO A 366 -13.85 13.55 -20.82
CA PRO A 366 -14.56 14.43 -19.89
C PRO A 366 -16.06 14.09 -19.80
N THR A 367 -16.62 14.30 -18.62
CA THR A 367 -18.00 13.91 -18.34
C THR A 367 -18.97 15.11 -18.30
N GLY A 368 -18.67 16.14 -19.08
CA GLY A 368 -19.58 17.29 -19.19
C GLY A 368 -19.37 18.35 -18.13
N PRO A 369 -20.08 19.50 -18.27
CA PRO A 369 -19.86 20.64 -17.37
C PRO A 369 -20.26 20.40 -15.90
N ASP A 370 -21.13 19.43 -15.66
CA ASP A 370 -21.55 19.10 -14.29
C ASP A 370 -20.92 17.80 -13.77
N LEU A 371 -20.04 17.21 -14.58
CA LEU A 371 -19.33 15.96 -14.24
C LEU A 371 -20.25 14.75 -14.06
N ARG A 372 -21.45 14.81 -14.65
CA ARG A 372 -22.42 13.74 -14.48
C ARG A 372 -22.52 12.80 -15.69
N GLY A 373 -21.70 13.07 -16.70
CA GLY A 373 -21.64 12.23 -17.90
C GLY A 373 -21.86 13.02 -19.17
N ASP A 374 -21.08 12.71 -20.20
CA ASP A 374 -21.32 13.24 -21.55
C ASP A 374 -21.99 12.14 -22.35
N LEU A 375 -23.32 12.15 -22.35
CA LEU A 375 -24.09 11.07 -22.94
C LEU A 375 -24.08 11.13 -24.47
N ASP A 376 -23.93 12.33 -25.02
CA ASP A 376 -23.75 12.48 -26.48
C ASP A 376 -22.47 11.77 -26.93
N ALA A 377 -21.38 12.01 -26.21
CA ALA A 377 -20.09 11.38 -26.55
C ALA A 377 -20.16 9.87 -26.37
N ALA A 378 -20.80 9.42 -25.29
CA ALA A 378 -20.97 7.99 -25.00
C ALA A 378 -21.75 7.29 -26.11
N ARG A 379 -22.84 7.91 -26.56
CA ARG A 379 -23.67 7.33 -27.62
C ARG A 379 -22.92 7.25 -28.95
N ALA A 380 -22.08 8.25 -29.22
CA ALA A 380 -21.25 8.24 -30.41
C ALA A 380 -20.24 7.10 -30.36
N GLU A 381 -19.66 6.86 -29.18
CA GLU A 381 -18.74 5.74 -28.99
C GLU A 381 -19.45 4.41 -29.18
N LEU A 382 -20.65 4.28 -28.62
CA LEU A 382 -21.47 3.07 -28.82
C LEU A 382 -21.72 2.79 -30.30
N ALA A 383 -22.07 3.83 -31.06
CA ALA A 383 -22.22 3.73 -32.51
C ALA A 383 -20.94 3.24 -33.18
N ALA A 384 -19.79 3.77 -32.74
CA ALA A 384 -18.49 3.35 -33.28
C ALA A 384 -18.22 1.86 -33.03
N ALA A 385 -18.77 1.34 -31.93
CA ALA A 385 -18.60 -0.07 -31.55
C ALA A 385 -19.54 -1.00 -32.30
N GLY A 386 -20.46 -0.43 -33.08
CA GLY A 386 -21.50 -1.22 -33.74
C GLY A 386 -22.59 -1.64 -32.77
N LEU A 387 -22.68 -0.93 -31.65
CA LEU A 387 -23.69 -1.21 -30.64
C LEU A 387 -24.41 0.08 -30.22
N PRO A 388 -25.04 0.77 -31.19
CA PRO A 388 -25.58 2.11 -30.93
C PRO A 388 -26.64 2.18 -29.83
N ASP A 389 -27.37 1.08 -29.62
CA ASP A 389 -28.46 1.05 -28.65
C ASP A 389 -28.03 0.50 -27.29
N GLY A 390 -26.75 0.15 -27.18
CA GLY A 390 -26.22 -0.40 -25.95
C GLY A 390 -26.08 -1.91 -26.02
N PHE A 391 -25.97 -2.53 -24.86
CA PHE A 391 -25.72 -3.97 -24.74
C PHE A 391 -25.91 -4.38 -23.29
N ARG A 392 -25.87 -5.69 -23.06
CA ARG A 392 -25.94 -6.22 -21.70
C ARG A 392 -24.59 -6.72 -21.23
N ALA A 393 -24.30 -6.51 -19.95
CA ALA A 393 -23.04 -6.94 -19.36
C ALA A 393 -23.17 -7.16 -17.86
N VAL A 394 -22.09 -7.65 -17.25
CA VAL A 394 -22.05 -7.93 -15.82
C VAL A 394 -20.88 -7.20 -15.17
N ILE A 395 -21.16 -6.56 -14.05
CA ILE A 395 -20.13 -5.92 -13.22
C ILE A 395 -19.88 -6.76 -11.97
N GLY A 396 -18.60 -7.07 -11.73
CA GLY A 396 -18.19 -7.81 -10.53
C GLY A 396 -17.84 -6.88 -9.39
N THR A 397 -18.23 -7.27 -8.17
CA THR A 397 -18.02 -6.43 -7.00
C THR A 397 -18.03 -7.24 -5.70
N GLN A 398 -17.77 -6.56 -4.58
CA GLN A 398 -17.92 -7.10 -3.23
C GLN A 398 -19.23 -6.58 -2.65
N ARG A 399 -19.73 -7.27 -1.62
CA ARG A 399 -20.77 -6.70 -0.76
C ARG A 399 -20.22 -5.48 -0.02
N GLY A 400 -21.09 -4.51 0.25
CA GLY A 400 -20.71 -3.32 1.02
C GLY A 400 -20.53 -2.08 0.16
N LYS A 401 -19.46 -1.33 0.43
CA LYS A 401 -19.19 -0.06 -0.26
C LYS A 401 -18.94 -0.25 -1.75
N PHE A 402 -18.30 -1.37 -2.10
CA PHE A 402 -18.06 -1.73 -3.50
C PHE A 402 -19.37 -1.95 -4.24
N ARG A 403 -20.36 -2.52 -3.54
CA ARG A 403 -21.68 -2.77 -4.13
C ARG A 403 -22.42 -1.47 -4.43
N LEU A 404 -22.33 -0.51 -3.52
CA LEU A 404 -22.91 0.81 -3.74
C LEU A 404 -22.33 1.47 -4.98
N VAL A 405 -21.02 1.36 -5.14
CA VAL A 405 -20.33 1.86 -6.34
C VAL A 405 -20.82 1.13 -7.60
N ALA A 406 -20.92 -0.20 -7.52
CA ALA A 406 -21.43 -0.99 -8.63
C ALA A 406 -22.83 -0.53 -9.07
N ASP A 407 -23.71 -0.30 -8.10
CA ASP A 407 -25.07 0.18 -8.36
C ASP A 407 -25.06 1.53 -9.07
N ALA A 408 -24.14 2.41 -8.67
CA ALA A 408 -23.97 3.70 -9.33
C ALA A 408 -23.46 3.56 -10.77
N VAL A 409 -22.66 2.52 -11.02
CA VAL A 409 -22.23 2.24 -12.39
C VAL A 409 -23.44 1.78 -13.22
N VAL A 410 -24.23 0.88 -12.65
CA VAL A 410 -25.46 0.39 -13.29
C VAL A 410 -26.37 1.56 -13.67
N GLU A 411 -26.62 2.45 -12.71
CA GLU A 411 -27.48 3.62 -12.91
C GLU A 411 -26.91 4.57 -13.98
N SER A 412 -25.61 4.82 -13.92
CA SER A 412 -24.94 5.70 -14.88
C SER A 412 -25.10 5.19 -16.30
N LEU A 413 -24.79 3.91 -16.50
CA LEU A 413 -24.71 3.33 -17.83
C LEU A 413 -26.06 3.02 -18.44
N ALA A 414 -27.07 2.82 -17.60
CA ALA A 414 -28.44 2.56 -18.08
C ALA A 414 -28.95 3.72 -18.95
N ARG A 415 -28.42 4.91 -18.72
CA ARG A 415 -28.83 6.12 -19.44
C ARG A 415 -28.52 6.07 -20.94
N VAL A 416 -27.59 5.21 -21.34
CA VAL A 416 -27.23 5.05 -22.76
C VAL A 416 -27.48 3.61 -23.23
N GLY A 417 -28.33 2.89 -22.51
CA GLY A 417 -28.75 1.55 -22.92
C GLY A 417 -27.78 0.44 -22.60
N ILE A 418 -26.79 0.72 -21.77
CA ILE A 418 -25.90 -0.32 -21.28
C ILE A 418 -26.55 -0.89 -20.01
N GLU A 419 -27.06 -2.11 -20.14
CA GLU A 419 -27.83 -2.76 -19.08
C GLU A 419 -26.95 -3.73 -18.32
N LEU A 420 -26.60 -3.35 -17.09
CA LEU A 420 -25.73 -4.17 -16.27
C LEU A 420 -26.49 -4.91 -15.18
N THR A 421 -26.05 -6.13 -14.91
CA THR A 421 -26.42 -6.82 -13.70
C THR A 421 -25.17 -6.98 -12.85
N VAL A 422 -25.37 -7.20 -11.56
CA VAL A 422 -24.28 -7.19 -10.59
C VAL A 422 -23.99 -8.60 -10.09
N LYS A 423 -22.72 -8.99 -10.15
CA LYS A 423 -22.27 -10.26 -9.60
C LYS A 423 -21.39 -9.99 -8.38
N GLU A 424 -21.88 -10.39 -7.20
CA GLU A 424 -21.12 -10.23 -5.98
C GLU A 424 -20.20 -11.43 -5.75
N LEU A 425 -18.96 -11.14 -5.34
CA LEU A 425 -17.99 -12.17 -5.04
C LEU A 425 -17.61 -12.11 -3.56
N ASP A 426 -17.18 -13.24 -3.01
CA ASP A 426 -16.76 -13.33 -1.61
C ASP A 426 -15.74 -12.25 -1.26
N VAL A 427 -15.98 -11.56 -0.14
CA VAL A 427 -15.16 -10.45 0.32
C VAL A 427 -13.73 -10.87 0.66
N ALA A 428 -13.61 -11.92 1.48
CA ALA A 428 -12.33 -12.39 2.01
C ALA A 428 -11.34 -12.82 0.92
N THR A 429 -11.85 -13.39 -0.17
CA THR A 429 -11.02 -13.90 -1.25
C THR A 429 -11.14 -13.09 -2.54
N TYR A 430 -11.65 -11.86 -2.44
CA TYR A 430 -11.92 -11.02 -3.62
C TYR A 430 -10.68 -10.79 -4.48
N PHE A 431 -9.53 -10.63 -3.84
CA PHE A 431 -8.29 -10.34 -4.55
C PHE A 431 -7.48 -11.61 -4.90
N SER A 432 -7.70 -12.68 -4.14
CA SER A 432 -7.01 -13.94 -4.36
C SER A 432 -7.74 -14.89 -5.32
N LEU A 433 -9.06 -14.96 -5.19
CA LEU A 433 -9.85 -15.91 -5.99
C LEU A 433 -11.02 -15.27 -6.72
N GLY A 434 -11.26 -13.98 -6.45
CA GLY A 434 -12.40 -13.27 -7.04
C GLY A 434 -12.00 -12.46 -8.25
N ALA A 435 -12.09 -11.13 -8.11
CA ALA A 435 -11.67 -10.22 -9.19
C ALA A 435 -10.20 -10.44 -9.55
N GLY A 436 -9.41 -10.85 -8.57
CA GLY A 436 -7.98 -11.06 -8.76
C GLY A 436 -7.59 -12.39 -9.38
N HIS A 437 -8.56 -13.17 -9.83
CA HIS A 437 -8.26 -14.41 -10.54
C HIS A 437 -8.82 -14.41 -11.95
N PRO A 438 -7.94 -14.37 -12.96
CA PRO A 438 -8.34 -14.36 -14.38
C PRO A 438 -9.37 -15.42 -14.77
N GLU A 439 -9.30 -16.60 -14.16
CA GLU A 439 -10.25 -17.67 -14.46
C GLU A 439 -11.65 -17.36 -13.93
N THR A 440 -11.70 -16.74 -12.74
CA THR A 440 -12.97 -16.35 -12.13
C THR A 440 -13.65 -15.25 -12.95
N VAL A 441 -12.84 -14.30 -13.41
CA VAL A 441 -13.32 -13.22 -14.27
C VAL A 441 -13.99 -13.80 -15.53
N ARG A 442 -13.35 -14.80 -16.13
CA ARG A 442 -13.89 -15.47 -17.31
C ARG A 442 -15.11 -16.33 -16.99
N GLU A 443 -15.06 -17.08 -15.89
CA GLU A 443 -16.18 -17.95 -15.46
C GLU A 443 -17.50 -17.19 -15.37
N HIS A 444 -17.44 -16.00 -14.77
CA HIS A 444 -18.64 -15.21 -14.51
C HIS A 444 -18.85 -14.10 -15.54
N GLY A 445 -17.93 -13.99 -16.50
CA GLY A 445 -18.05 -13.01 -17.59
C GLY A 445 -18.12 -11.60 -17.07
N LEU A 446 -17.12 -11.24 -16.26
CA LEU A 446 -17.09 -9.94 -15.57
C LEU A 446 -16.39 -8.89 -16.41
N GLY A 447 -17.17 -8.24 -17.27
CA GLY A 447 -16.66 -7.23 -18.20
C GLY A 447 -16.21 -5.97 -17.50
N LEU A 448 -16.81 -5.69 -16.35
CA LEU A 448 -16.38 -4.60 -15.47
C LEU A 448 -16.14 -5.13 -14.06
N LEU A 449 -15.20 -4.51 -13.36
CA LEU A 449 -14.84 -4.90 -12.00
C LEU A 449 -14.62 -3.66 -11.15
N VAL A 450 -15.20 -3.64 -9.96
CA VAL A 450 -14.97 -2.55 -9.00
C VAL A 450 -13.86 -2.95 -8.04
N THR A 451 -12.87 -2.08 -7.88
CA THR A 451 -11.82 -2.36 -6.90
C THR A 451 -11.16 -1.10 -6.38
N ASP A 452 -10.29 -1.27 -5.39
CA ASP A 452 -9.41 -0.20 -4.95
C ASP A 452 -7.99 -0.74 -4.87
N TRP A 453 -7.01 0.15 -4.92
CA TRP A 453 -5.62 -0.23 -5.04
C TRP A 453 -4.73 0.80 -4.36
N GLY A 454 -3.74 0.31 -3.62
CA GLY A 454 -2.66 1.14 -3.09
C GLY A 454 -1.33 0.49 -3.42
N ALA A 455 -0.36 1.30 -3.80
CA ALA A 455 0.98 0.80 -4.11
C ALA A 455 1.65 0.18 -2.90
N ASP A 456 2.49 -0.83 -3.14
CA ASP A 456 3.27 -1.46 -2.07
C ASP A 456 4.52 -0.65 -1.71
N PHE A 457 4.85 0.31 -2.57
CA PHE A 457 5.88 1.32 -2.31
C PHE A 457 5.57 2.59 -3.11
N PRO A 458 5.87 3.78 -2.54
CA PRO A 458 5.38 5.04 -3.12
C PRO A 458 6.16 5.55 -4.33
N THR A 459 6.12 4.79 -5.41
CA THR A 459 6.72 5.20 -6.68
C THR A 459 5.75 4.90 -7.81
N GLU A 460 6.02 5.48 -8.98
CA GLU A 460 5.22 5.22 -10.16
C GLU A 460 5.21 3.75 -10.55
N TYR A 461 6.37 3.09 -10.44
CA TYR A 461 6.42 1.65 -10.71
C TYR A 461 5.54 0.88 -9.74
N GLY A 462 5.72 1.14 -8.44
CA GLY A 462 4.93 0.48 -7.41
C GLY A 462 3.44 0.69 -7.62
N PHE A 463 3.06 1.90 -8.01
CA PHE A 463 1.65 2.21 -8.19
C PHE A 463 1.05 1.63 -9.47
N LEU A 464 1.73 1.84 -10.60
CA LEU A 464 1.11 1.59 -11.89
C LEU A 464 1.44 0.24 -12.54
N ALA A 465 2.67 -0.24 -12.35
CA ALA A 465 3.06 -1.50 -13.02
C ALA A 465 2.17 -2.71 -12.68
N PRO A 466 1.83 -2.91 -11.39
CA PRO A 466 0.94 -4.04 -11.10
C PRO A 466 -0.43 -3.94 -11.77
N LEU A 467 -0.84 -2.72 -12.12
CA LEU A 467 -2.14 -2.48 -12.73
C LEU A 467 -2.17 -2.66 -14.24
N VAL A 468 -1.03 -2.45 -14.91
CA VAL A 468 -1.03 -2.34 -16.38
C VAL A 468 0.09 -3.08 -17.12
N ASP A 469 1.11 -3.51 -16.39
CA ASP A 469 2.27 -4.16 -16.99
C ASP A 469 1.91 -5.60 -17.36
N GLY A 470 2.09 -5.95 -18.63
CA GLY A 470 1.75 -7.27 -19.14
C GLY A 470 2.48 -8.42 -18.45
N ARG A 471 3.70 -8.14 -17.99
CA ARG A 471 4.51 -9.12 -17.27
C ARG A 471 4.00 -9.35 -15.84
N GLN A 472 3.06 -8.51 -15.39
CA GLN A 472 2.55 -8.56 -14.02
C GLN A 472 1.17 -9.21 -13.89
N ILE A 473 0.70 -9.83 -14.96
CA ILE A 473 -0.56 -10.59 -14.89
C ILE A 473 -0.31 -11.86 -14.09
N LYS A 474 -1.07 -12.03 -13.01
CA LYS A 474 -0.93 -13.22 -12.16
C LYS A 474 -2.03 -14.21 -12.50
N ARG A 475 -1.68 -15.23 -13.28
CA ARG A 475 -2.65 -16.18 -13.83
C ARG A 475 -3.30 -17.07 -12.77
N ASN A 476 -2.63 -17.24 -11.63
CA ASN A 476 -3.09 -18.13 -10.57
C ASN A 476 -3.78 -17.43 -9.39
N GLY A 477 -4.08 -16.14 -9.56
CA GLY A 477 -4.71 -15.36 -8.50
C GLY A 477 -3.79 -14.30 -7.94
N GLY A 478 -4.38 -13.35 -7.20
CA GLY A 478 -3.65 -12.20 -6.69
C GLY A 478 -3.30 -11.22 -7.79
N ASN A 479 -4.04 -11.29 -8.89
CA ASN A 479 -3.80 -10.44 -10.05
C ASN A 479 -4.32 -9.03 -9.84
N TRP A 480 -3.52 -8.05 -10.23
CA TRP A 480 -3.91 -6.64 -10.15
C TRP A 480 -4.00 -5.95 -11.51
N ASN A 481 -3.55 -6.65 -12.54
CA ASN A 481 -3.73 -6.20 -13.91
C ASN A 481 -5.03 -6.81 -14.41
N LEU A 482 -6.13 -6.22 -13.99
CA LEU A 482 -7.45 -6.82 -14.21
C LEU A 482 -7.86 -6.88 -15.69
N PRO A 483 -7.59 -5.82 -16.47
CA PRO A 483 -7.84 -5.91 -17.91
C PRO A 483 -6.88 -6.86 -18.63
N GLU A 484 -5.85 -7.32 -17.92
CA GLU A 484 -4.76 -8.12 -18.53
C GLU A 484 -4.17 -7.38 -19.74
N LEU A 485 -3.93 -6.09 -19.56
CA LEU A 485 -3.28 -5.29 -20.58
C LEU A 485 -1.87 -5.80 -20.78
N ASP A 486 -1.53 -6.06 -22.04
CA ASP A 486 -0.20 -6.51 -22.41
C ASP A 486 0.24 -5.79 -23.68
N ASP A 487 0.39 -4.48 -23.54
CA ASP A 487 0.82 -3.60 -24.63
C ASP A 487 2.34 -3.52 -24.60
N PRO A 488 3.01 -4.05 -25.66
CA PRO A 488 4.46 -4.01 -25.77
C PRO A 488 5.04 -2.61 -25.59
N GLU A 489 4.33 -1.59 -26.06
CA GLU A 489 4.80 -0.21 -25.97
C GLU A 489 4.74 0.30 -24.52
N VAL A 490 3.68 -0.06 -23.80
CA VAL A 490 3.58 0.25 -22.37
C VAL A 490 4.70 -0.47 -21.59
N ASN A 491 4.86 -1.77 -21.85
CA ASN A 491 5.91 -2.55 -21.20
C ASN A 491 7.31 -1.98 -21.45
N ALA A 492 7.58 -1.59 -22.70
CA ALA A 492 8.86 -1.01 -23.08
C ALA A 492 9.13 0.31 -22.37
N LEU A 493 8.10 1.17 -22.29
CA LEU A 493 8.23 2.44 -21.58
C LEU A 493 8.53 2.21 -20.10
N ILE A 494 7.83 1.26 -19.48
CA ILE A 494 8.09 0.89 -18.09
C ILE A 494 9.54 0.44 -17.93
N ASP A 495 10.00 -0.44 -18.81
CA ASP A 495 11.40 -0.88 -18.79
C ASP A 495 12.36 0.30 -18.89
N GLU A 496 12.03 1.28 -19.74
CA GLU A 496 12.89 2.46 -19.90
C GLU A 496 13.01 3.26 -18.60
N THR A 497 11.90 3.46 -17.89
CA THR A 497 11.93 4.20 -16.62
C THR A 497 12.89 3.56 -15.63
N LEU A 498 12.93 2.23 -15.62
CA LEU A 498 13.70 1.46 -14.63
C LEU A 498 15.22 1.64 -14.74
N HIS A 499 15.71 2.02 -15.92
CA HIS A 499 17.13 2.33 -16.10
C HIS A 499 17.43 3.82 -16.30
N THR A 500 16.39 4.64 -16.28
CA THR A 500 16.56 6.09 -16.43
C THR A 500 16.98 6.70 -15.10
N THR A 501 18.18 7.27 -15.08
CA THR A 501 18.74 7.84 -13.85
C THR A 501 18.13 9.19 -13.50
N ASP A 502 17.89 10.01 -14.52
CA ASP A 502 17.31 11.35 -14.34
C ASP A 502 15.85 11.25 -13.90
N PRO A 503 15.54 11.72 -12.67
CA PRO A 503 14.17 11.68 -12.14
C PRO A 503 13.16 12.41 -13.01
N ALA A 504 13.57 13.53 -13.61
CA ALA A 504 12.69 14.32 -14.47
C ALA A 504 12.32 13.59 -15.77
N ALA A 505 13.32 13.01 -16.43
CA ALA A 505 13.10 12.22 -17.63
C ALA A 505 12.26 10.97 -17.32
N ARG A 506 12.46 10.40 -16.13
CA ARG A 506 11.71 9.25 -15.66
C ARG A 506 10.23 9.61 -15.48
N ALA A 507 9.98 10.78 -14.90
CA ALA A 507 8.61 11.27 -14.70
C ALA A 507 7.88 11.46 -16.04
N GLU A 508 8.57 12.01 -17.03
CA GLU A 508 7.97 12.22 -18.36
C GLU A 508 7.63 10.91 -19.05
N LEU A 509 8.48 9.91 -18.89
CA LEU A 509 8.20 8.57 -19.40
C LEU A 509 6.97 7.98 -18.74
N TRP A 510 6.86 8.16 -17.42
CA TRP A 510 5.69 7.67 -16.69
C TRP A 510 4.40 8.35 -17.10
N ARG A 511 4.49 9.64 -17.43
CA ARG A 511 3.35 10.38 -17.96
C ARG A 511 2.88 9.82 -19.29
N ALA A 512 3.84 9.40 -20.14
CA ALA A 512 3.51 8.75 -21.40
C ALA A 512 2.84 7.39 -21.17
N VAL A 513 3.33 6.64 -20.18
CA VAL A 513 2.69 5.37 -19.82
C VAL A 513 1.23 5.60 -19.41
N GLU A 514 1.01 6.53 -18.49
CA GLU A 514 -0.34 6.79 -17.99
C GLU A 514 -1.27 7.23 -19.11
N ARG A 515 -0.78 8.11 -19.97
CA ARG A 515 -1.55 8.57 -21.12
C ARG A 515 -1.96 7.39 -22.01
N ARG A 516 -1.01 6.52 -22.33
CA ARG A 516 -1.31 5.37 -23.19
C ARG A 516 -2.33 4.45 -22.54
N VAL A 517 -2.20 4.25 -21.22
CA VAL A 517 -3.17 3.43 -20.49
C VAL A 517 -4.57 4.02 -20.59
N MET A 518 -4.68 5.34 -20.43
CA MET A 518 -5.99 5.99 -20.55
C MET A 518 -6.52 5.95 -21.99
N GLU A 519 -5.62 6.01 -22.98
CA GLU A 519 -6.03 5.81 -24.38
C GLU A 519 -6.70 4.44 -24.58
N HIS A 520 -6.16 3.41 -23.91
CA HIS A 520 -6.76 2.08 -23.95
C HIS A 520 -8.15 2.03 -23.30
N ALA A 521 -8.39 2.95 -22.37
CA ALA A 521 -9.69 3.09 -21.69
C ALA A 521 -10.10 1.87 -20.84
N VAL A 522 -9.13 1.05 -20.48
CA VAL A 522 -9.39 -0.15 -19.68
C VAL A 522 -9.60 0.14 -18.18
N LEU A 523 -9.13 1.30 -17.72
CA LEU A 523 -9.32 1.71 -16.33
C LEU A 523 -10.09 3.02 -16.26
N LEU A 524 -11.18 3.01 -15.50
CA LEU A 524 -11.99 4.19 -15.23
C LEU A 524 -11.71 4.66 -13.80
N PRO A 525 -10.93 5.75 -13.67
CA PRO A 525 -10.61 6.30 -12.35
C PRO A 525 -11.84 6.95 -11.75
N LEU A 526 -12.06 6.72 -10.46
CA LEU A 526 -13.20 7.34 -9.77
C LEU A 526 -12.72 8.40 -8.79
N VAL A 527 -12.12 7.96 -7.68
CA VAL A 527 -11.59 8.88 -6.69
C VAL A 527 -10.27 8.38 -6.12
N HIS A 528 -9.44 9.32 -5.67
CA HIS A 528 -8.35 8.99 -4.77
C HIS A 528 -8.92 9.04 -3.36
N ASP A 529 -8.79 7.93 -2.65
CA ASP A 529 -9.41 7.76 -1.35
C ASP A 529 -8.83 8.71 -0.29
N LYS A 530 -9.70 9.12 0.63
CA LYS A 530 -9.31 9.88 1.80
C LYS A 530 -9.86 9.18 3.03
N THR A 531 -9.34 9.54 4.20
CA THR A 531 -9.75 8.89 5.42
C THR A 531 -9.75 9.89 6.56
N LEU A 532 -10.45 9.57 7.65
CA LEU A 532 -10.45 10.42 8.83
C LEU A 532 -9.77 9.71 9.99
N HIS A 533 -8.61 10.23 10.40
CA HIS A 533 -7.92 9.70 11.58
C HIS A 533 -8.17 10.59 12.79
N PHE A 534 -8.37 9.97 13.94
CA PHE A 534 -8.56 10.69 15.21
C PHE A 534 -7.33 10.52 16.09
N ARG A 535 -6.81 11.62 16.60
CA ARG A 535 -5.63 11.58 17.47
C ARG A 535 -5.97 12.18 18.83
N ASN A 536 -5.75 11.42 19.89
CA ASN A 536 -5.94 11.97 21.23
C ASN A 536 -4.85 13.00 21.55
N PRO A 537 -5.22 14.09 22.26
CA PRO A 537 -4.30 15.23 22.40
C PRO A 537 -3.02 15.01 23.23
N TRP A 538 -3.00 13.95 24.03
CA TRP A 538 -1.83 13.63 24.87
C TRP A 538 -0.78 12.77 24.17
N VAL A 539 -1.05 12.40 22.93
CA VAL A 539 -0.07 11.67 22.12
C VAL A 539 0.85 12.68 21.47
N THR A 540 2.15 12.46 21.61
CA THR A 540 3.15 13.38 21.08
C THR A 540 3.69 12.91 19.73
N ASN A 541 4.11 13.85 18.89
CA ASN A 541 4.72 13.58 17.59
C ASN A 541 3.80 12.79 16.65
N VAL A 542 2.56 13.24 16.55
CA VAL A 542 1.60 12.62 15.64
C VAL A 542 1.67 13.28 14.27
N TYR A 543 1.85 12.45 13.24
CA TYR A 543 1.81 12.95 11.86
C TYR A 543 1.44 11.81 10.93
N VAL A 544 0.74 12.15 9.85
CA VAL A 544 0.43 11.18 8.80
C VAL A 544 1.70 10.96 7.99
N HIS A 545 2.19 9.73 7.96
CA HIS A 545 3.36 9.45 7.17
C HIS A 545 2.97 9.39 5.69
N PRO A 546 3.62 10.21 4.84
CA PRO A 546 3.22 10.28 3.44
C PRO A 546 3.39 8.97 2.66
N ALA A 547 4.26 8.08 3.11
CA ALA A 547 4.46 6.79 2.45
C ALA A 547 3.39 5.76 2.82
N PHE A 548 2.59 6.06 3.85
CA PHE A 548 1.63 5.10 4.40
C PHE A 548 0.17 5.58 4.36
N GLY A 549 -0.03 6.89 4.45
CA GLY A 549 -1.39 7.44 4.60
C GLY A 549 -1.94 7.18 5.99
N LEU A 550 -1.05 6.74 6.89
CA LEU A 550 -1.37 6.41 8.28
C LEU A 550 -0.39 7.13 9.17
N TYR A 551 -0.77 7.39 10.42
CA TYR A 551 0.14 7.97 11.40
C TYR A 551 1.39 7.11 11.56
N ASP A 552 2.55 7.76 11.70
CA ASP A 552 3.77 7.01 11.97
C ASP A 552 3.85 6.66 13.46
N ILE A 553 3.27 5.51 13.79
CA ILE A 553 3.18 5.03 15.17
C ILE A 553 4.52 5.09 15.90
N GLN A 554 5.60 4.68 15.22
CA GLN A 554 6.91 4.57 15.86
C GLN A 554 7.44 5.91 16.39
N ALA A 555 6.96 7.01 15.81
CA ALA A 555 7.42 8.35 16.20
C ALA A 555 6.72 8.88 17.45
N MET A 556 5.63 8.24 17.85
CA MET A 556 4.76 8.76 18.89
C MET A 556 5.32 8.57 20.29
N GLY A 557 4.97 9.50 21.17
CA GLY A 557 5.22 9.36 22.60
C GLY A 557 3.98 9.73 23.39
N LEU A 558 4.14 9.83 24.70
CA LEU A 558 3.06 10.23 25.61
C LEU A 558 3.46 11.49 26.35
N ALA A 559 2.50 12.39 26.52
CA ALA A 559 2.73 13.61 27.30
C ALA A 559 2.79 13.26 28.79
N GLU A 560 3.60 14.01 29.54
CA GLU A 560 3.77 13.80 30.98
C GLU A 560 2.46 14.07 31.71
C1 GOL B . 4.12 1.60 1.80
O1 GOL B . 4.19 2.71 0.94
C2 GOL B . 5.53 1.24 2.24
O2 GOL B . 6.23 0.65 1.17
C3 GOL B . 5.49 0.27 3.41
O3 GOL B . 6.80 -0.12 3.73
C1 GOL C . 5.56 -9.37 -7.09
O1 GOL C . 4.21 -8.93 -6.98
C2 GOL C . 5.96 -9.53 -8.55
O2 GOL C . 6.93 -10.54 -8.64
C3 GOL C . 6.53 -8.20 -9.04
O3 GOL C . 7.51 -8.41 -10.05
C1 GOL D . -2.04 -5.09 -1.24
O1 GOL D . -2.00 -6.02 -2.31
C2 GOL D . -2.34 -3.70 -1.78
O2 GOL D . -1.30 -3.28 -2.64
C3 GOL D . -2.48 -2.71 -0.61
O3 GOL D . -1.30 -2.69 0.16
#